data_9HF9
#
_entry.id   9HF9
#
_cell.length_a   85.559
_cell.length_b   85.559
_cell.length_c   90.790
_cell.angle_alpha   90.00
_cell.angle_beta   90.00
_cell.angle_gamma   120.00
#
_symmetry.space_group_name_H-M   'P 31 2 1'
#
loop_
_entity.id
_entity.type
_entity.pdbx_description
1 polymer 'Telomeric repeat-binding factor 1'
2 non-polymer 5-methoxy-1,3-benzothiazol-2-amine
3 non-polymer GLYCEROL
4 non-polymer 'DIMETHYL SULFOXIDE'
5 water water
#
_entity_poly.entity_id   1
_entity_poly.type   'polypeptide(L)'
_entity_poly.pdbx_seq_one_letter_code
;SNAQVQVGAPEEEEEEEEDAGLVAEAEAVAAGWMLDFLCLSLCRAFRDGRSEDFRRTRNSAEAIIHGLSSLTACQLRTIY
ICQFLTRIAAGKTLDAQFENDERITPLESALMIWGSIEKEHDKLHEEIQNLIKIQAIAVCMENGNFKEAEEVFERIFGDP
NSHMPFKSKLLMIISQKDTFHSFFQHFSYNHMMEKIKSYVNYVLSEKSSTFLMKAAAKVVESKR
;
_entity_poly.pdbx_strand_id   A
#
loop_
_chem_comp.id
_chem_comp.type
_chem_comp.name
_chem_comp.formula
DMS non-polymer 'DIMETHYL SULFOXIDE' 'C2 H6 O S'
GOL non-polymer GLYCEROL 'C3 H8 O3'
NZ1 non-polymer 5-methoxy-1,3-benzothiazol-2-amine 'C8 H8 N2 O S'
#
# COMPACT_ATOMS: atom_id res chain seq x y z
N GLU A 18 29.55 -17.87 -24.06
CA GLU A 18 28.61 -17.21 -23.15
C GLU A 18 28.21 -18.15 -22.01
N ASP A 19 28.49 -17.76 -20.76
CA ASP A 19 28.11 -18.57 -19.61
C ASP A 19 26.64 -18.23 -19.23
N ALA A 20 25.70 -19.18 -19.43
CA ALA A 20 24.29 -18.98 -19.13
C ALA A 20 24.01 -18.62 -17.66
N GLY A 21 24.81 -19.18 -16.75
CA GLY A 21 24.70 -18.90 -15.33
C GLY A 21 25.07 -17.47 -14.99
N LEU A 22 26.15 -16.94 -15.59
CA LEU A 22 26.55 -15.55 -15.35
C LEU A 22 25.55 -14.56 -16.00
N VAL A 23 24.93 -14.95 -17.13
CA VAL A 23 23.92 -14.09 -17.76
C VAL A 23 22.67 -14.01 -16.87
N ALA A 24 22.26 -15.14 -16.29
CA ALA A 24 21.12 -15.21 -15.38
C ALA A 24 21.37 -14.39 -14.12
N GLU A 25 22.61 -14.41 -13.60
CA GLU A 25 22.98 -13.62 -12.43
C GLU A 25 22.89 -12.12 -12.73
N ALA A 26 23.31 -11.69 -13.94
CA ALA A 26 23.22 -10.28 -14.37
C ALA A 26 21.76 -9.86 -14.53
N GLU A 27 20.91 -10.77 -15.04
CA GLU A 27 19.48 -10.45 -15.16
C GLU A 27 18.83 -10.27 -13.79
N ALA A 28 19.27 -11.06 -12.77
CA ALA A 28 18.75 -10.95 -11.41
C ALA A 28 19.21 -9.63 -10.75
N VAL A 29 20.49 -9.23 -10.96
CA VAL A 29 20.99 -7.95 -10.46
C VAL A 29 20.15 -6.78 -11.05
N ALA A 30 19.90 -6.83 -12.36
CA ALA A 30 19.11 -5.80 -13.01
C ALA A 30 17.66 -5.79 -12.54
N ALA A 31 17.07 -6.96 -12.25
CA ALA A 31 15.69 -7.02 -11.71
C ALA A 31 15.63 -6.32 -10.36
N GLY A 32 16.65 -6.51 -9.52
CA GLY A 32 16.77 -5.85 -8.23
C GLY A 32 16.81 -4.34 -8.37
N TRP A 33 17.59 -3.83 -9.35
CA TRP A 33 17.66 -2.39 -9.59
C TRP A 33 16.30 -1.86 -10.10
N MET A 34 15.65 -2.59 -11.02
CA MET A 34 14.37 -2.16 -11.56
C MET A 34 13.29 -2.16 -10.48
N LEU A 35 13.34 -3.13 -9.55
CA LEU A 35 12.37 -3.18 -8.44
C LEU A 35 12.46 -1.91 -7.57
N ASP A 36 13.68 -1.48 -7.16
CA ASP A 36 13.82 -0.27 -6.34
C ASP A 36 13.37 0.95 -7.10
N PHE A 37 13.72 1.03 -8.40
CA PHE A 37 13.33 2.14 -9.24
C PHE A 37 11.78 2.23 -9.33
N LEU A 38 11.12 1.11 -9.60
CA LEU A 38 9.67 1.06 -9.73
C LEU A 38 8.97 1.32 -8.38
N CYS A 39 9.53 0.87 -7.26
CA CYS A 39 8.96 1.20 -5.93
C CYS A 39 9.00 2.73 -5.71
N LEU A 40 10.11 3.39 -6.09
CA LEU A 40 10.24 4.84 -5.95
C LEU A 40 9.17 5.53 -6.80
N SER A 41 9.03 5.09 -8.06
CA SER A 41 8.04 5.63 -8.98
C SER A 41 6.60 5.46 -8.44
N LEU A 42 6.33 4.30 -7.86
CA LEU A 42 5.03 3.96 -7.30
C LEU A 42 4.73 4.82 -6.06
N CYS A 43 5.74 5.05 -5.20
CA CYS A 43 5.59 5.91 -4.01
C CYS A 43 5.21 7.38 -4.37
N ARG A 44 5.89 7.86 -5.43
CA ARG A 44 5.69 9.20 -5.93
C ARG A 44 4.32 9.35 -6.57
N ALA A 45 3.89 8.37 -7.38
CA ALA A 45 2.58 8.41 -8.02
C ALA A 45 1.46 8.37 -6.98
N PHE A 46 1.64 7.55 -5.92
CA PHE A 46 0.71 7.45 -4.79
C PHE A 46 0.63 8.81 -4.04
N ARG A 47 1.79 9.40 -3.72
CA ARG A 47 1.88 10.66 -2.99
C ARG A 47 1.24 11.80 -3.83
N ASP A 48 1.52 11.82 -5.13
CA ASP A 48 1.03 12.86 -6.05
C ASP A 48 -0.43 12.70 -6.47
N GLY A 49 -1.02 11.54 -6.23
CA GLY A 49 -2.39 11.25 -6.64
C GLY A 49 -2.48 11.03 -8.14
N ARG A 50 -1.38 10.55 -8.78
CA ARG A 50 -1.39 10.31 -10.22
C ARG A 50 -1.82 8.87 -10.43
N SER A 51 -3.15 8.64 -10.46
CA SER A 51 -3.77 7.32 -10.53
C SER A 51 -3.40 6.43 -11.72
N GLU A 52 -3.40 7.00 -12.92
CA GLU A 52 -3.03 6.23 -14.11
C GLU A 52 -1.55 5.89 -14.11
N ASP A 53 -0.71 6.83 -13.63
CA ASP A 53 0.73 6.54 -13.54
C ASP A 53 0.98 5.46 -12.52
N PHE A 54 0.25 5.51 -11.38
CA PHE A 54 0.35 4.49 -10.35
C PHE A 54 -0.02 3.11 -10.92
N ARG A 55 -1.13 3.03 -11.65
CA ARG A 55 -1.58 1.78 -12.25
C ARG A 55 -0.54 1.22 -13.23
N ARG A 56 0.07 2.09 -14.07
CA ARG A 56 1.11 1.63 -15.00
C ARG A 56 2.37 1.13 -14.28
N THR A 57 2.86 1.89 -13.30
CA THR A 57 4.04 1.52 -12.53
C THR A 57 3.80 0.24 -11.73
N ARG A 58 2.58 0.08 -11.19
CA ARG A 58 2.20 -1.11 -10.43
C ARG A 58 2.27 -2.35 -11.34
N ASN A 59 1.75 -2.24 -12.58
CA ASN A 59 1.79 -3.36 -13.53
C ASN A 59 3.23 -3.75 -13.86
N SER A 60 4.10 -2.74 -14.06
CA SER A 60 5.51 -2.99 -14.34
C SER A 60 6.20 -3.63 -13.15
N ALA A 61 5.99 -3.09 -11.92
CA ALA A 61 6.65 -3.62 -10.72
C ALA A 61 6.29 -5.07 -10.49
N GLU A 62 5.01 -5.40 -10.67
CA GLU A 62 4.53 -6.74 -10.48
C GLU A 62 5.15 -7.68 -11.51
N ALA A 63 5.24 -7.26 -12.77
CA ALA A 63 5.79 -8.13 -13.80
C ALA A 63 7.30 -8.36 -13.53
N ILE A 64 8.01 -7.29 -13.14
CA ILE A 64 9.46 -7.35 -12.95
C ILE A 64 9.90 -8.36 -11.90
N ILE A 65 9.14 -8.45 -10.81
CA ILE A 65 9.52 -9.33 -9.72
C ILE A 65 9.32 -10.81 -10.07
N HIS A 66 8.70 -11.14 -11.23
CA HIS A 66 8.68 -12.54 -11.69
C HIS A 66 10.11 -12.98 -12.14
N GLY A 67 11.03 -12.03 -12.35
CA GLY A 67 12.42 -12.32 -12.69
C GLY A 67 13.29 -12.64 -11.49
N LEU A 68 12.68 -12.67 -10.29
CA LEU A 68 13.40 -13.02 -9.08
C LEU A 68 12.74 -14.22 -8.41
N SER A 69 13.49 -15.28 -8.14
CA SER A 69 12.93 -16.44 -7.42
C SER A 69 13.37 -16.45 -5.94
N SER A 70 14.38 -15.67 -5.58
CA SER A 70 14.88 -15.56 -4.22
C SER A 70 15.06 -14.07 -3.94
N LEU A 71 14.50 -13.59 -2.82
CA LEU A 71 14.61 -12.19 -2.47
C LEU A 71 15.31 -12.03 -1.15
N THR A 72 16.12 -10.97 -1.00
CA THR A 72 16.73 -10.67 0.29
C THR A 72 15.63 -10.07 1.22
N ALA A 73 15.93 -9.88 2.51
CA ALA A 73 15.00 -9.27 3.45
C ALA A 73 14.56 -7.85 2.98
N CYS A 74 15.51 -7.10 2.40
N CYS A 74 15.50 -7.08 2.39
CA CYS A 74 15.27 -5.75 1.90
CA CYS A 74 15.22 -5.73 1.90
C CYS A 74 14.29 -5.77 0.72
C CYS A 74 14.27 -5.77 0.70
N GLN A 75 14.50 -6.71 -0.21
CA GLN A 75 13.64 -6.86 -1.40
C GLN A 75 12.24 -7.30 -1.00
N LEU A 76 12.11 -8.15 0.04
CA LEU A 76 10.81 -8.59 0.54
C LEU A 76 10.05 -7.37 1.07
N ARG A 77 10.70 -6.52 1.87
CA ARG A 77 10.09 -5.31 2.39
C ARG A 77 9.61 -4.41 1.24
N THR A 78 10.44 -4.29 0.19
CA THR A 78 10.08 -3.50 -0.98
C THR A 78 8.83 -4.02 -1.70
N ILE A 79 8.74 -5.34 -1.98
CA ILE A 79 7.56 -5.88 -2.66
C ILE A 79 6.30 -5.76 -1.78
N TYR A 80 6.43 -5.92 -0.45
CA TYR A 80 5.27 -5.82 0.44
C TYR A 80 4.80 -4.39 0.57
N ILE A 81 5.71 -3.39 0.50
CA ILE A 81 5.29 -1.99 0.50
C ILE A 81 4.50 -1.71 -0.80
N CYS A 82 5.00 -2.23 -1.94
CA CYS A 82 4.31 -2.08 -3.23
C CYS A 82 2.91 -2.75 -3.21
N GLN A 83 2.80 -3.98 -2.66
CA GLN A 83 1.51 -4.68 -2.55
C GLN A 83 0.58 -3.90 -1.61
N PHE A 84 1.12 -3.38 -0.49
CA PHE A 84 0.31 -2.60 0.45
C PHE A 84 -0.27 -1.34 -0.23
N LEU A 85 0.55 -0.57 -0.97
CA LEU A 85 0.03 0.64 -1.63
C LEU A 85 -1.02 0.28 -2.70
N THR A 86 -0.82 -0.87 -3.38
CA THR A 86 -1.71 -1.36 -4.42
C THR A 86 -3.10 -1.60 -3.83
N ARG A 87 -3.16 -2.24 -2.63
CA ARG A 87 -4.43 -2.51 -1.96
C ARG A 87 -5.07 -1.23 -1.46
N ILE A 88 -4.28 -0.29 -0.91
CA ILE A 88 -4.83 1.00 -0.44
C ILE A 88 -5.44 1.75 -1.62
N ALA A 89 -4.74 1.76 -2.77
CA ALA A 89 -5.20 2.48 -3.96
C ALA A 89 -6.51 1.90 -4.52
N ALA A 90 -6.75 0.60 -4.32
CA ALA A 90 -8.00 -0.06 -4.73
C ALA A 90 -9.08 -0.05 -3.59
N GLY A 91 -8.81 0.65 -2.50
CA GLY A 91 -9.67 0.73 -1.32
C GLY A 91 -11.15 1.00 -1.55
N LYS A 92 -11.48 1.91 -2.47
CA LYS A 92 -12.89 2.23 -2.74
C LYS A 92 -13.46 1.52 -3.96
N THR A 93 -12.62 0.88 -4.80
CA THR A 93 -13.06 0.19 -6.03
C THR A 93 -14.02 -0.97 -5.77
N GLN A 97 -13.59 -9.99 -8.73
CA GLN A 97 -12.52 -10.95 -8.99
C GLN A 97 -11.60 -11.06 -7.78
N PHE A 98 -11.29 -9.93 -7.14
CA PHE A 98 -10.45 -9.88 -5.94
C PHE A 98 -11.27 -10.40 -4.75
N GLU A 99 -12.52 -9.93 -4.63
CA GLU A 99 -13.53 -10.46 -3.73
C GLU A 99 -13.65 -11.98 -3.77
N ASN A 100 -13.75 -12.58 -4.97
CA ASN A 100 -13.90 -14.04 -5.11
C ASN A 100 -12.61 -14.81 -4.83
N ASP A 101 -11.46 -14.16 -5.00
CA ASP A 101 -10.17 -14.81 -4.78
C ASP A 101 -9.74 -14.75 -3.29
N GLU A 102 -9.77 -13.54 -2.67
CA GLU A 102 -9.37 -13.40 -1.25
C GLU A 102 -10.54 -13.48 -0.23
N ARG A 103 -11.80 -13.29 -0.67
CA ARG A 103 -12.98 -13.32 0.21
C ARG A 103 -13.03 -12.15 1.21
N ILE A 104 -12.24 -11.10 0.98
CA ILE A 104 -12.16 -9.89 1.78
C ILE A 104 -12.03 -8.68 0.82
N THR A 105 -12.15 -7.48 1.36
CA THR A 105 -12.04 -6.26 0.57
C THR A 105 -10.56 -5.80 0.47
N PRO A 106 -10.25 -4.93 -0.50
CA PRO A 106 -8.86 -4.46 -0.63
C PRO A 106 -8.25 -3.85 0.66
N LEU A 107 -9.00 -3.03 1.44
CA LEU A 107 -8.46 -2.44 2.68
C LEU A 107 -8.18 -3.52 3.76
N GLU A 108 -8.95 -4.60 3.77
CA GLU A 108 -8.67 -5.73 4.70
C GLU A 108 -7.38 -6.45 4.26
N SER A 109 -7.11 -6.54 2.96
CA SER A 109 -5.88 -7.14 2.46
C SER A 109 -4.70 -6.21 2.78
N ALA A 110 -4.88 -4.87 2.68
CA ALA A 110 -3.85 -3.89 3.05
C ALA A 110 -3.48 -4.08 4.54
N LEU A 111 -4.48 -4.30 5.39
CA LEU A 111 -4.34 -4.53 6.84
C LEU A 111 -3.52 -5.79 7.11
N MET A 112 -3.78 -6.87 6.35
CA MET A 112 -3.03 -8.11 6.53
C MET A 112 -1.58 -7.90 6.18
N ILE A 113 -1.28 -7.16 5.10
CA ILE A 113 0.09 -6.91 4.70
C ILE A 113 0.79 -6.01 5.72
N TRP A 114 0.10 -4.95 6.14
CA TRP A 114 0.61 -3.96 7.09
C TRP A 114 1.01 -4.61 8.41
N GLY A 115 0.19 -5.52 8.93
CA GLY A 115 0.49 -6.19 10.18
C GLY A 115 1.56 -7.27 10.09
N SER A 116 2.12 -7.52 8.91
CA SER A 116 3.15 -8.55 8.74
C SER A 116 4.49 -8.07 8.17
N ILE A 117 4.59 -6.83 7.69
CA ILE A 117 5.84 -6.31 7.14
C ILE A 117 6.92 -6.26 8.23
N GLU A 118 8.19 -6.58 7.90
CA GLU A 118 9.27 -6.51 8.88
C GLU A 118 9.64 -5.06 9.05
N LYS A 119 8.95 -4.40 9.97
CA LYS A 119 9.13 -2.98 10.27
C LYS A 119 8.78 -2.75 11.74
N GLU A 120 9.21 -1.60 12.29
CA GLU A 120 8.93 -1.29 13.68
C GLU A 120 7.45 -0.98 13.86
N HIS A 121 6.86 -1.43 14.97
CA HIS A 121 5.48 -1.10 15.28
C HIS A 121 5.48 0.15 16.21
N ASP A 122 5.84 1.28 15.60
CA ASP A 122 5.88 2.53 16.30
C ASP A 122 4.46 3.18 16.36
N LYS A 123 4.39 4.46 16.72
CA LYS A 123 3.15 5.21 16.83
C LYS A 123 2.53 5.36 15.46
N LEU A 124 3.34 5.69 14.42
CA LEU A 124 2.81 5.87 13.07
C LEU A 124 2.23 4.57 12.52
N HIS A 125 2.86 3.43 12.84
CA HIS A 125 2.37 2.14 12.38
C HIS A 125 0.99 1.85 12.95
N GLU A 126 0.82 2.12 14.25
N GLU A 126 0.81 2.12 14.25
CA GLU A 126 -0.45 1.90 14.93
CA GLU A 126 -0.48 1.88 14.90
C GLU A 126 -1.53 2.83 14.38
C GLU A 126 -1.56 2.85 14.46
N GLU A 127 -1.18 4.11 14.16
CA GLU A 127 -2.14 5.09 13.67
C GLU A 127 -2.71 4.68 12.31
N ILE A 128 -1.82 4.23 11.41
CA ILE A 128 -2.21 3.78 10.09
C ILE A 128 -3.08 2.53 10.19
N GLN A 129 -2.68 1.58 11.04
CA GLN A 129 -3.43 0.34 11.24
C GLN A 129 -4.89 0.63 11.67
N ASN A 130 -5.07 1.53 12.65
CA ASN A 130 -6.38 1.84 13.16
C ASN A 130 -7.23 2.59 12.15
N LEU A 131 -6.61 3.47 11.37
CA LEU A 131 -7.32 4.19 10.33
C LEU A 131 -7.78 3.25 9.22
N ILE A 132 -6.94 2.26 8.85
CA ILE A 132 -7.33 1.29 7.83
C ILE A 132 -8.51 0.43 8.35
N LYS A 133 -8.45 -0.02 9.61
CA LYS A 133 -9.50 -0.83 10.22
C LYS A 133 -10.89 -0.12 10.12
N ILE A 134 -10.94 1.15 10.50
CA ILE A 134 -12.20 1.90 10.45
C ILE A 134 -12.59 2.22 9.01
N GLN A 135 -11.63 2.61 8.16
CA GLN A 135 -11.93 2.90 6.76
C GLN A 135 -12.35 1.69 5.97
N ALA A 136 -11.92 0.46 6.36
CA ALA A 136 -12.38 -0.77 5.71
C ALA A 136 -13.91 -0.89 5.84
N ILE A 137 -14.46 -0.47 6.98
CA ILE A 137 -15.91 -0.44 7.20
C ILE A 137 -16.51 0.79 6.46
N ALA A 138 -15.96 1.98 6.71
CA ALA A 138 -16.53 3.23 6.16
C ALA A 138 -16.60 3.28 4.64
N VAL A 139 -15.65 2.67 3.90
CA VAL A 139 -15.73 2.72 2.43
C VAL A 139 -16.95 1.94 1.95
N CYS A 140 -17.34 0.84 2.64
CA CYS A 140 -18.55 0.08 2.27
C CYS A 140 -19.78 0.94 2.50
N MET A 141 -19.84 1.66 3.63
CA MET A 141 -20.96 2.58 3.92
C MET A 141 -21.01 3.68 2.87
N GLU A 142 -19.86 4.24 2.49
CA GLU A 142 -19.80 5.30 1.46
C GLU A 142 -20.35 4.76 0.12
N ASN A 143 -20.10 3.48 -0.18
CA ASN A 143 -20.62 2.86 -1.40
C ASN A 143 -22.10 2.42 -1.28
N GLY A 144 -22.71 2.55 -0.12
CA GLY A 144 -24.10 2.15 0.11
C GLY A 144 -24.30 0.67 0.36
N ASN A 145 -23.23 -0.06 0.67
N ASN A 145 -23.22 -0.07 0.67
CA ASN A 145 -23.30 -1.50 0.93
CA ASN A 145 -23.34 -1.50 0.95
C ASN A 145 -23.15 -1.73 2.44
C ASN A 145 -23.16 -1.71 2.44
N PHE A 146 -24.25 -1.54 3.20
CA PHE A 146 -24.26 -1.64 4.64
C PHE A 146 -24.18 -3.07 5.17
N LYS A 147 -24.68 -4.03 4.39
CA LYS A 147 -24.53 -5.45 4.74
C LYS A 147 -23.03 -5.81 4.68
N GLU A 148 -22.32 -5.32 3.65
CA GLU A 148 -20.89 -5.59 3.52
C GLU A 148 -20.10 -4.90 4.62
N ALA A 149 -20.51 -3.68 5.03
CA ALA A 149 -19.87 -2.96 6.15
C ALA A 149 -19.92 -3.80 7.43
N GLU A 150 -21.05 -4.47 7.70
CA GLU A 150 -21.21 -5.32 8.87
C GLU A 150 -20.34 -6.57 8.77
N GLU A 151 -20.20 -7.15 7.57
CA GLU A 151 -19.36 -8.34 7.37
C GLU A 151 -17.87 -8.00 7.54
N VAL A 152 -17.46 -6.81 7.10
CA VAL A 152 -16.09 -6.33 7.27
C VAL A 152 -15.85 -6.12 8.77
N PHE A 153 -16.81 -5.47 9.46
CA PHE A 153 -16.76 -5.27 10.92
C PHE A 153 -16.57 -6.61 11.64
N GLU A 154 -17.38 -7.63 11.30
CA GLU A 154 -17.29 -8.93 11.96
C GLU A 154 -15.93 -9.61 11.70
N ARG A 155 -15.37 -9.48 10.49
CA ARG A 155 -14.07 -10.11 10.21
C ARG A 155 -12.93 -9.41 10.97
N ILE A 156 -12.96 -8.07 11.07
CA ILE A 156 -11.90 -7.33 11.76
C ILE A 156 -12.06 -7.31 13.29
N PHE A 157 -13.29 -7.07 13.78
CA PHE A 157 -13.58 -6.88 15.20
C PHE A 157 -14.35 -8.02 15.89
N GLY A 158 -14.79 -9.01 15.13
CA GLY A 158 -15.53 -10.14 15.69
N PRO A 165 -11.99 -0.72 21.93
CA PRO A 165 -12.59 0.05 23.07
C PRO A 165 -14.10 0.17 22.88
N PHE A 166 -14.54 0.47 21.66
CA PHE A 166 -15.99 0.58 21.37
C PHE A 166 -16.34 -0.28 20.15
N LYS A 167 -16.93 -1.46 20.39
CA LYS A 167 -17.28 -2.38 19.28
C LYS A 167 -18.80 -2.37 19.08
N SER A 168 -19.54 -2.40 20.18
N SER A 168 -19.55 -2.42 20.18
CA SER A 168 -21.03 -2.39 20.09
CA SER A 168 -21.03 -2.39 20.09
C SER A 168 -21.50 -1.03 19.57
C SER A 168 -21.48 -1.03 19.54
N LYS A 169 -20.75 0.04 19.88
CA LYS A 169 -21.10 1.38 19.39
C LYS A 169 -20.85 1.46 17.88
N LEU A 170 -19.70 0.94 17.44
CA LEU A 170 -19.35 0.96 15.99
C LEU A 170 -20.43 0.19 15.21
N LEU A 171 -20.84 -0.97 15.72
CA LEU A 171 -21.84 -1.79 15.01
C LEU A 171 -23.17 -1.02 14.94
N MET A 172 -23.51 -0.29 16.01
CA MET A 172 -24.77 0.50 16.04
C MET A 172 -24.70 1.59 14.95
N ILE A 173 -23.57 2.28 14.83
CA ILE A 173 -23.39 3.34 13.80
C ILE A 173 -23.63 2.72 12.41
N ILE A 174 -23.05 1.54 12.15
CA ILE A 174 -23.24 0.85 10.84
C ILE A 174 -24.73 0.48 10.71
N SER A 175 -25.30 -0.12 11.74
CA SER A 175 -26.73 -0.53 11.72
C SER A 175 -27.60 0.69 11.42
N GLN A 176 -27.22 1.85 11.94
CA GLN A 176 -28.02 3.06 11.75
C GLN A 176 -27.65 3.88 10.50
N LYS A 177 -26.78 3.34 9.63
CA LYS A 177 -26.31 3.97 8.40
C LYS A 177 -25.78 5.40 8.68
N ASP A 178 -25.11 5.56 9.82
CA ASP A 178 -24.67 6.87 10.26
C ASP A 178 -23.28 7.12 9.74
N THR A 179 -23.18 7.21 8.43
CA THR A 179 -21.92 7.36 7.72
C THR A 179 -21.09 8.55 8.15
N PHE A 180 -21.75 9.66 8.52
CA PHE A 180 -21.06 10.89 8.88
C PHE A 180 -21.02 11.14 10.38
N HIS A 181 -21.08 10.09 11.19
CA HIS A 181 -20.93 10.14 12.65
C HIS A 181 -19.53 10.74 12.93
N SER A 182 -19.38 11.52 14.01
CA SER A 182 -18.11 12.14 14.36
C SER A 182 -16.91 11.16 14.46
N PHE A 183 -17.17 9.90 14.83
CA PHE A 183 -16.13 8.88 14.93
C PHE A 183 -15.55 8.61 13.53
N PHE A 184 -16.43 8.49 12.53
CA PHE A 184 -16.04 8.25 11.13
C PHE A 184 -15.41 9.49 10.52
N GLN A 185 -15.83 10.68 10.96
CA GLN A 185 -15.29 11.96 10.50
C GLN A 185 -13.85 12.14 11.04
N HIS A 186 -13.56 11.65 12.27
CA HIS A 186 -12.21 11.70 12.85
C HIS A 186 -11.30 10.60 12.22
N PHE A 187 -11.79 9.36 12.11
CA PHE A 187 -11.00 8.28 11.50
C PHE A 187 -11.39 8.20 10.02
N SER A 188 -11.19 9.30 9.31
CA SER A 188 -11.60 9.53 7.94
C SER A 188 -10.68 8.95 6.87
N TYR A 189 -11.17 8.94 5.63
CA TYR A 189 -10.39 8.45 4.50
C TYR A 189 -9.24 9.41 4.25
N ASN A 190 -9.50 10.74 4.34
CA ASN A 190 -8.46 11.75 4.15
C ASN A 190 -7.37 11.60 5.21
N HIS A 191 -7.74 11.36 6.47
CA HIS A 191 -6.74 11.20 7.54
C HIS A 191 -5.93 9.91 7.34
N MET A 192 -6.56 8.87 6.80
CA MET A 192 -5.86 7.62 6.50
C MET A 192 -4.83 7.88 5.39
N MET A 193 -5.25 8.54 4.30
CA MET A 193 -4.35 8.85 3.20
C MET A 193 -3.21 9.80 3.61
N GLU A 194 -3.47 10.82 4.45
CA GLU A 194 -2.41 11.72 4.92
C GLU A 194 -1.35 10.93 5.74
N LYS A 195 -1.79 10.04 6.65
CA LYS A 195 -0.86 9.26 7.46
C LYS A 195 -0.08 8.27 6.60
N ILE A 196 -0.73 7.64 5.60
CA ILE A 196 -0.01 6.70 4.72
C ILE A 196 0.99 7.47 3.85
N LYS A 197 0.62 8.66 3.36
CA LYS A 197 1.53 9.50 2.58
C LYS A 197 2.74 9.94 3.40
N SER A 198 2.58 10.22 4.70
N SER A 198 2.57 10.22 4.70
CA SER A 198 3.76 10.57 5.53
CA SER A 198 3.72 10.57 5.55
C SER A 198 4.70 9.36 5.61
C SER A 198 4.68 9.38 5.65
N TYR A 199 4.16 8.15 5.70
CA TYR A 199 4.97 6.92 5.72
C TYR A 199 5.68 6.79 4.35
N VAL A 200 4.95 7.04 3.25
CA VAL A 200 5.48 6.95 1.90
C VAL A 200 6.68 7.89 1.71
N ASN A 201 6.65 9.08 2.36
CA ASN A 201 7.74 10.04 2.30
C ASN A 201 9.04 9.47 2.88
N TYR A 202 8.92 8.61 3.93
CA TYR A 202 10.10 7.98 4.53
C TYR A 202 10.66 6.92 3.60
N VAL A 203 9.78 6.10 2.96
CA VAL A 203 10.23 5.07 2.01
C VAL A 203 10.94 5.75 0.83
N LEU A 204 10.35 6.84 0.33
CA LEU A 204 10.85 7.64 -0.76
C LEU A 204 12.26 8.21 -0.45
N SER A 205 12.47 8.77 0.76
N SER A 205 12.47 8.75 0.76
CA SER A 205 13.79 9.30 1.12
CA SER A 205 13.76 9.30 1.14
C SER A 205 14.80 8.17 1.32
C SER A 205 14.79 8.19 1.34
N GLU A 206 14.37 7.05 1.89
CA GLU A 206 15.25 5.90 2.11
C GLU A 206 15.70 5.23 0.79
N LYS A 207 14.86 5.29 -0.26
CA LYS A 207 15.22 4.74 -1.56
C LYS A 207 15.71 5.79 -2.57
N SER A 208 15.79 7.07 -2.17
CA SER A 208 16.22 8.19 -3.02
C SER A 208 17.58 7.96 -3.68
N SER A 209 18.54 7.29 -3.00
CA SER A 209 19.85 7.08 -3.59
C SER A 209 20.05 5.74 -4.33
N THR A 210 18.98 4.98 -4.63
CA THR A 210 19.15 3.69 -5.30
C THR A 210 19.68 3.87 -6.73
N PHE A 211 20.47 2.89 -7.19
CA PHE A 211 21.24 2.92 -8.43
C PHE A 211 20.53 3.49 -9.68
N LEU A 212 19.41 2.93 -10.08
CA LEU A 212 18.77 3.30 -11.33
C LEU A 212 18.24 4.73 -11.36
N MET A 213 17.51 5.19 -10.34
CA MET A 213 17.00 6.57 -10.33
C MET A 213 18.13 7.59 -10.24
N LYS A 214 19.20 7.26 -9.52
CA LYS A 214 20.33 8.15 -9.36
C LYS A 214 21.11 8.29 -10.68
N ALA A 215 21.30 7.18 -11.41
CA ALA A 215 21.99 7.24 -12.71
C ALA A 215 21.13 8.02 -13.72
N ALA A 216 19.79 7.80 -13.69
CA ALA A 216 18.84 8.49 -14.55
C ALA A 216 18.76 10.00 -14.26
N ALA A 217 18.77 10.41 -12.98
CA ALA A 217 18.76 11.84 -12.63
C ALA A 217 20.07 12.51 -13.06
N LYS A 218 21.18 11.76 -13.06
CA LYS A 218 22.49 12.23 -13.48
C LYS A 218 22.45 12.57 -14.97
N VAL A 219 21.77 11.75 -15.78
CA VAL A 219 21.62 11.99 -17.22
C VAL A 219 20.76 13.25 -17.47
N VAL A 220 19.65 13.38 -16.75
CA VAL A 220 18.76 14.53 -16.88
C VAL A 220 19.45 15.83 -16.44
N GLU A 221 20.26 15.77 -15.36
CA GLU A 221 21.02 16.93 -14.86
C GLU A 221 22.07 17.39 -15.88
N SER A 222 22.68 16.45 -16.60
N SER A 222 22.68 16.45 -16.60
CA SER A 222 23.67 16.78 -17.63
CA SER A 222 23.67 16.80 -17.62
C SER A 222 23.05 17.52 -18.83
C SER A 222 23.06 17.53 -18.82
N LYS A 223 21.76 17.33 -19.08
CA LYS A 223 21.05 18.00 -20.18
C LYS A 223 20.50 19.37 -19.73
N ARG A 224 20.26 19.56 -18.41
CA ARG A 224 19.75 20.81 -17.86
N1 NZ1 B . 1.03 -10.00 -5.89
C4 NZ1 B . 1.73 -5.00 -6.81
C5 NZ1 B . 1.73 -6.37 -6.58
C6 NZ1 B . 1.49 -8.79 -6.19
C7 NZ1 B . 2.92 -7.10 -6.45
C8 NZ1 B . 4.14 -6.43 -6.55
C1 NZ1 B . 6.54 -4.95 -6.64
C2 NZ1 B . 4.13 -5.06 -6.80
C3 NZ1 B . 2.95 -4.35 -6.92
N2 NZ1 B . 2.76 -8.46 -6.25
O1 NZ1 B . 5.30 -4.33 -6.95
S1 NZ1 B . 0.37 -7.45 -6.41
C1 GOL C . -3.09 6.11 -6.71
O1 GOL C . -4.34 5.61 -7.14
C2 GOL C . -3.22 7.46 -6.04
O2 GOL C . -4.21 8.25 -6.72
C3 GOL C . -3.56 7.36 -4.58
O3 GOL C . -3.16 8.53 -3.89
N1 NZ1 D . -17.30 9.79 18.86
C4 NZ1 D . -12.28 10.51 18.05
C5 NZ1 D . -13.59 10.16 18.36
C6 NZ1 D . -15.97 9.75 18.82
C7 NZ1 D . -13.87 9.10 19.24
C8 NZ1 D . -12.82 8.38 19.80
C1 NZ1 D . -10.37 6.66 19.86
C2 NZ1 D . -11.52 8.73 19.47
C3 NZ1 D . -11.24 9.79 18.62
N2 NZ1 D . -15.23 8.89 19.49
O1 NZ1 D . -10.45 8.08 20.03
S1 NZ1 D . -15.08 10.90 17.82
C1 GOL E . 4.20 9.03 -19.04
O1 GOL E . 4.81 8.44 -20.18
C2 GOL E . 3.25 8.07 -18.37
O2 GOL E . 2.46 7.41 -19.37
C3 GOL E . 3.97 7.06 -17.50
O3 GOL E . 3.05 6.26 -16.76
S DMS F . -15.83 -1.26 -1.43
O DMS F . -17.34 -1.47 -1.41
C1 DMS F . -15.12 -2.32 -0.17
C2 DMS F . -15.13 -2.26 -2.78
S DMS G . -9.52 2.69 16.92
O DMS G . -10.10 1.42 16.37
C1 DMS G . -10.83 3.61 17.79
C2 DMS G . -8.64 2.25 18.45
S DMS H . 14.86 -12.96 4.87
O DMS H . 15.19 -13.49 3.49
C1 DMS H . 14.38 -14.37 5.92
C2 DMS H . 16.44 -12.68 5.73
C1 GOL I . 16.13 0.14 0.24
O1 GOL I . 16.06 1.44 0.78
C2 GOL I . 17.11 0.09 -0.92
O2 GOL I . 18.31 0.78 -0.58
C3 GOL I . 17.40 -1.32 -1.36
O3 GOL I . 18.32 -1.38 -2.44
C1 GOL J . -1.69 -5.59 -11.75
O1 GOL J . -0.70 -6.07 -12.64
C2 GOL J . -1.49 -6.10 -10.34
O2 GOL J . -0.19 -5.72 -9.86
C3 GOL J . -2.55 -5.62 -9.38
O3 GOL J . -2.38 -6.21 -8.10
#